data_4MTX
#
_entry.id   4MTX
#
_cell.length_a   65.911
_cell.length_b   69.193
_cell.length_c   108.256
_cell.angle_alpha   90.00
_cell.angle_beta   90.00
_cell.angle_gamma   90.00
#
_symmetry.space_group_name_H-M   'P 21 21 2'
#
loop_
_entity.id
_entity.type
_entity.pdbx_description
1 polymer 'Ethylene response sensor 1'
2 water water
#
_entity_poly.entity_id   1
_entity_poly.type   'polypeptide(L)'
_entity_poly.pdbx_seq_one_letter_code
;GASHAAILEES(MSE)HARDQL(MSE)EQNFALDKARQEAE(MSE)AVHARNDFLAV(MSE)NHE(MSE)RTP(MSE)HA
IISLSSLLLETELSPEQRV(MSE)IETILKSSNLVATLISDVLDLSRLED
;
_entity_poly.pdbx_strand_id   A,B,C,D
#
# COMPACT_ATOMS: atom_id res chain seq x y z
N ALA A 5 6.48 -64.45 -55.32
CA ALA A 5 7.04 -65.03 -54.12
C ALA A 5 6.15 -64.80 -52.94
N ALA A 6 6.15 -65.74 -52.02
CA ALA A 6 5.53 -65.48 -50.75
C ALA A 6 6.44 -64.56 -49.94
N ILE A 7 7.70 -64.52 -50.33
CA ILE A 7 8.63 -63.62 -49.73
C ILE A 7 8.18 -62.20 -50.07
N LEU A 8 8.06 -61.90 -51.36
CA LEU A 8 7.54 -60.64 -51.85
C LEU A 8 6.22 -60.19 -51.21
N GLU A 9 5.33 -61.12 -50.94
CA GLU A 9 4.05 -60.81 -50.31
C GLU A 9 4.24 -60.33 -48.89
N GLU A 10 5.15 -60.98 -48.17
CA GLU A 10 5.53 -60.59 -46.82
C GLU A 10 6.25 -59.24 -46.84
N SER A 11 7.07 -59.01 -47.87
CA SER A 11 7.73 -57.71 -48.03
C SER A 11 6.73 -56.57 -48.29
N HIS A 13 3.63 -56.70 -47.47
CA HIS A 13 2.85 -56.61 -46.24
C HIS A 13 3.53 -55.67 -45.24
N ALA A 14 4.84 -55.84 -45.07
CA ALA A 14 5.62 -54.97 -44.19
C ALA A 14 5.54 -53.53 -44.71
N ARG A 15 5.59 -53.38 -46.03
CA ARG A 15 5.40 -52.08 -46.65
C ARG A 15 4.02 -51.48 -46.30
N ASP A 16 2.97 -52.30 -46.38
CA ASP A 16 1.62 -51.87 -46.01
C ASP A 16 1.59 -51.31 -44.59
N GLN A 17 2.20 -52.05 -43.65
CA GLN A 17 2.17 -51.65 -42.26
C GLN A 17 2.92 -50.34 -42.03
N LEU A 18 4.00 -50.13 -42.79
CA LEU A 18 4.71 -48.87 -42.68
C LEU A 18 3.84 -47.71 -43.17
N GLU A 20 0.57 -47.54 -43.13
CA GLU A 20 -0.46 -47.30 -42.13
C GLU A 20 0.13 -46.50 -40.99
N GLN A 21 1.34 -46.88 -40.57
CA GLN A 21 2.03 -46.16 -39.50
C GLN A 21 2.35 -44.74 -39.97
N ASN A 22 2.74 -44.61 -41.24
CA ASN A 22 3.07 -43.31 -41.80
C ASN A 22 1.88 -42.34 -41.76
N PHE A 23 0.69 -42.88 -41.94
CA PHE A 23 -0.49 -42.04 -41.97
C PHE A 23 -0.89 -41.59 -40.58
N ALA A 24 -0.88 -42.49 -39.62
CA ALA A 24 -1.17 -42.10 -38.23
C ALA A 24 -0.17 -41.07 -37.73
N LEU A 25 1.10 -41.29 -38.03
CA LEU A 25 2.16 -40.40 -37.60
C LEU A 25 2.02 -39.01 -38.22
N ASP A 26 1.76 -38.96 -39.53
CA ASP A 26 1.57 -37.71 -40.24
C ASP A 26 0.42 -36.91 -39.64
N LYS A 27 -0.60 -37.61 -39.17
CA LYS A 27 -1.76 -36.99 -38.53
C LYS A 27 -1.38 -36.51 -37.14
N ALA A 28 -0.69 -37.36 -36.39
CA ALA A 28 -0.22 -36.99 -35.07
C ALA A 28 0.69 -35.77 -35.16
N ARG A 29 1.53 -35.74 -36.19
CA ARG A 29 2.42 -34.58 -36.40
C ARG A 29 1.65 -33.30 -36.72
N GLN A 30 0.65 -33.39 -37.59
CA GLN A 30 -0.15 -32.21 -37.94
C GLN A 30 -0.90 -31.65 -36.74
N GLU A 31 -1.54 -32.55 -35.99
CA GLU A 31 -2.26 -32.15 -34.78
C GLU A 31 -1.37 -31.53 -33.73
N ALA A 32 -0.14 -32.05 -33.60
CA ALA A 32 0.82 -31.47 -32.66
C ALA A 32 1.24 -30.06 -33.10
N GLU A 33 1.41 -29.88 -34.40
CA GLU A 33 1.81 -28.59 -34.96
C GLU A 33 0.73 -27.51 -34.85
N ALA A 35 -1.47 -27.59 -32.43
CA ALA A 35 -1.47 -27.34 -31.00
C ALA A 35 -0.39 -26.32 -30.65
N VAL A 36 0.81 -26.48 -31.21
CA VAL A 36 1.90 -25.54 -30.95
C VAL A 36 1.52 -24.15 -31.42
N HIS A 37 0.92 -24.07 -32.61
CA HIS A 37 0.59 -22.78 -33.20
C HIS A 37 -0.52 -22.07 -32.42
N ALA A 38 -1.54 -22.81 -32.04
CA ALA A 38 -2.63 -22.26 -31.22
C ALA A 38 -2.13 -21.79 -29.86
N ARG A 39 -1.11 -22.45 -29.34
CA ARG A 39 -0.58 -22.07 -28.03
C ARG A 39 0.24 -20.78 -28.18
N ASN A 40 1.04 -20.71 -29.23
CA ASN A 40 1.73 -19.46 -29.54
C ASN A 40 0.75 -18.29 -29.72
N ASP A 41 -0.34 -18.51 -30.45
CA ASP A 41 -1.33 -17.46 -30.68
C ASP A 41 -1.95 -16.98 -29.37
N PHE A 42 -2.20 -17.92 -28.46
CA PHE A 42 -2.80 -17.56 -27.18
C PHE A 42 -1.85 -16.72 -26.33
N LEU A 43 -0.59 -17.11 -26.27
CA LEU A 43 0.41 -16.33 -25.55
C LEU A 43 0.54 -14.92 -26.12
N ALA A 44 0.39 -14.78 -27.44
CA ALA A 44 0.44 -13.48 -28.09
C ALA A 44 -0.77 -12.63 -27.71
N VAL A 45 -1.94 -13.25 -27.69
CA VAL A 45 -3.17 -12.61 -27.23
C VAL A 45 -3.03 -12.14 -25.78
N ASN A 47 -0.20 -11.55 -24.01
CA ASN A 47 0.74 -10.43 -24.03
C ASN A 47 0.06 -9.14 -24.53
N HIS A 48 -0.77 -9.30 -25.55
CA HIS A 48 -1.47 -8.16 -26.14
C HIS A 48 -2.44 -7.52 -25.14
N GLU A 49 -3.20 -8.35 -24.44
CA GLU A 49 -4.23 -7.87 -23.52
C GLU A 49 -3.67 -7.29 -22.23
N ARG A 51 -0.64 -5.66 -22.12
CA ARG A 51 0.31 -4.59 -22.40
C ARG A 51 -0.25 -3.19 -22.12
N THR A 52 -1.41 -2.91 -22.63
CA THR A 52 -1.97 -1.60 -22.48
C THR A 52 -2.36 -1.25 -20.99
N PRO A 53 -3.10 -2.12 -20.29
CA PRO A 53 -3.28 -1.92 -18.85
C PRO A 53 -1.94 -1.79 -18.17
N HIS A 55 0.86 -0.64 -19.31
CA HIS A 55 1.32 0.70 -19.63
C HIS A 55 0.51 1.78 -18.90
N ALA A 56 -0.78 1.58 -18.79
CA ALA A 56 -1.60 2.55 -18.09
C ALA A 56 -1.10 2.67 -16.64
N ILE A 57 -0.80 1.53 -16.03
CA ILE A 57 -0.36 1.55 -14.63
C ILE A 57 0.91 2.36 -14.45
N ILE A 58 1.94 1.99 -15.21
CA ILE A 58 3.22 2.73 -15.21
C ILE A 58 3.06 4.22 -15.51
N SER A 59 2.33 4.54 -16.57
CA SER A 59 2.15 5.92 -16.99
C SER A 59 1.43 6.73 -15.92
N LEU A 60 0.29 6.24 -15.43
CA LEU A 60 -0.49 6.97 -14.45
C LEU A 60 0.24 7.15 -13.11
N SER A 61 0.99 6.13 -12.70
CA SER A 61 1.80 6.21 -11.48
C SER A 61 2.80 7.34 -11.62
N SER A 62 3.51 7.38 -12.75
CA SER A 62 4.49 8.43 -13.01
C SER A 62 3.87 9.81 -12.94
N LEU A 63 2.73 9.96 -13.60
CA LEU A 63 2.07 11.26 -13.61
C LEU A 63 1.61 11.69 -12.24
N LEU A 64 1.13 10.73 -11.47
CA LEU A 64 0.60 11.04 -10.16
C LEU A 64 1.71 11.65 -9.31
N LEU A 65 2.94 11.23 -9.56
CA LEU A 65 4.04 11.71 -8.76
C LEU A 65 4.38 13.18 -9.06
N GLU A 66 3.87 13.74 -10.17
CA GLU A 66 4.08 15.14 -10.52
C GLU A 66 3.05 16.01 -9.83
N THR A 67 2.16 15.39 -9.08
CA THR A 67 1.07 16.14 -8.46
C THR A 67 1.27 16.23 -6.95
N GLU A 68 0.39 16.97 -6.29
CA GLU A 68 0.58 17.26 -4.88
C GLU A 68 0.09 16.09 -4.04
N LEU A 69 1.02 15.45 -3.34
CA LEU A 69 0.74 14.25 -2.57
C LEU A 69 1.21 14.38 -1.12
N SER A 70 0.42 13.83 -0.20
CA SER A 70 0.91 13.62 1.16
C SER A 70 2.09 12.67 1.06
N PRO A 71 3.01 12.72 2.04
CA PRO A 71 4.19 11.86 2.00
C PRO A 71 3.81 10.38 2.01
N GLU A 72 2.64 10.09 2.59
CA GLU A 72 2.15 8.73 2.66
C GLU A 72 1.64 8.24 1.29
N GLN A 73 0.89 9.10 0.60
CA GLN A 73 0.42 8.78 -0.73
C GLN A 73 1.65 8.64 -1.61
N ARG A 74 2.63 9.50 -1.40
CA ARG A 74 3.82 9.49 -2.21
C ARG A 74 4.65 8.24 -2.11
N VAL A 75 4.84 7.73 -0.90
CA VAL A 75 5.57 6.47 -0.76
C VAL A 75 4.78 5.33 -1.42
N ILE A 77 2.67 5.49 -3.96
CA ILE A 77 2.61 5.60 -5.42
C ILE A 77 3.98 5.28 -6.03
N GLU A 78 5.02 5.70 -5.33
CA GLU A 78 6.37 5.32 -5.71
C GLU A 78 6.53 3.81 -5.73
N THR A 79 5.93 3.12 -4.76
CA THR A 79 6.03 1.67 -4.73
C THR A 79 5.33 1.09 -5.95
N ILE A 80 4.15 1.63 -6.28
CA ILE A 80 3.48 1.24 -7.52
C ILE A 80 4.35 1.45 -8.78
N LEU A 81 5.00 2.60 -8.92
CA LEU A 81 5.86 2.84 -10.11
C LEU A 81 7.04 1.85 -10.15
N LYS A 82 7.75 1.70 -9.04
CA LYS A 82 8.83 0.71 -8.95
C LYS A 82 8.34 -0.69 -9.35
N SER A 83 7.34 -1.17 -8.63
CA SER A 83 6.78 -2.51 -8.82
C SER A 83 6.28 -2.76 -10.27
N SER A 84 5.50 -1.82 -10.81
CA SER A 84 4.92 -2.01 -12.14
C SER A 84 5.96 -1.98 -13.27
N ASN A 85 6.94 -1.10 -13.16
CA ASN A 85 8.02 -1.13 -14.15
C ASN A 85 8.76 -2.48 -14.18
N LEU A 86 9.14 -2.98 -13.02
CA LEU A 86 9.82 -4.27 -12.95
C LEU A 86 8.95 -5.42 -13.44
N VAL A 87 7.68 -5.45 -13.04
CA VAL A 87 6.85 -6.59 -13.42
C VAL A 87 6.48 -6.59 -14.90
N ALA A 88 6.34 -5.41 -15.52
CA ALA A 88 6.04 -5.31 -16.94
C ALA A 88 7.14 -5.99 -17.78
N THR A 89 8.39 -5.69 -17.43
CA THR A 89 9.55 -6.30 -18.03
C THR A 89 9.59 -7.81 -17.74
N LEU A 90 9.27 -8.19 -16.51
CA LEU A 90 9.31 -9.61 -16.18
C LEU A 90 8.26 -10.36 -16.99
N ILE A 91 7.05 -9.82 -17.02
CA ILE A 91 5.95 -10.48 -17.73
C ILE A 91 6.26 -10.59 -19.23
N SER A 92 6.70 -9.48 -19.82
CA SER A 92 7.14 -9.47 -21.21
C SER A 92 8.19 -10.56 -21.49
N ASP A 93 9.21 -10.64 -20.65
CA ASP A 93 10.25 -11.65 -20.82
C ASP A 93 9.75 -13.08 -20.69
N VAL A 94 8.94 -13.34 -19.67
CA VAL A 94 8.43 -14.69 -19.42
C VAL A 94 7.52 -15.16 -20.58
N LEU A 95 6.70 -14.27 -21.12
CA LEU A 95 5.80 -14.66 -22.20
C LEU A 95 6.59 -14.89 -23.50
N ASP A 96 7.64 -14.10 -23.75
CA ASP A 96 8.49 -14.34 -24.90
C ASP A 96 9.25 -15.68 -24.75
N LEU A 97 9.79 -15.93 -23.56
CA LEU A 97 10.55 -17.15 -23.31
C LEU A 97 9.66 -18.40 -23.33
N SER A 98 8.37 -18.20 -23.22
CA SER A 98 7.43 -19.28 -23.17
C SER A 98 6.97 -19.79 -24.55
N ARG A 99 7.27 -19.04 -25.59
CA ARG A 99 6.80 -19.33 -26.92
C ARG A 99 7.74 -20.33 -27.61
N LEU A 100 7.43 -21.04 -28.69
CA LEU A 100 8.32 -21.60 -29.73
C LEU A 100 9.81 -21.49 -29.45
N ALA B 5 14.46 -60.43 -58.63
CA ALA B 5 14.79 -60.19 -57.24
C ALA B 5 15.42 -58.83 -57.04
N ALA B 6 15.55 -58.12 -58.15
CA ALA B 6 15.73 -56.68 -58.14
C ALA B 6 14.38 -56.03 -57.82
N ILE B 7 13.33 -56.81 -57.99
CA ILE B 7 12.00 -56.42 -57.53
C ILE B 7 11.96 -56.44 -55.99
N LEU B 8 12.50 -57.51 -55.42
CA LEU B 8 12.57 -57.65 -53.97
C LEU B 8 13.45 -56.53 -53.41
N GLU B 9 14.54 -56.39 -54.06
CA GLU B 9 15.44 -55.32 -53.68
C GLU B 9 14.77 -53.97 -53.65
N GLU B 10 13.94 -53.71 -54.64
CA GLU B 10 13.26 -52.44 -54.73
C GLU B 10 12.20 -52.28 -53.62
N SER B 11 11.57 -53.38 -53.26
CA SER B 11 10.60 -53.34 -52.22
C SER B 11 11.24 -53.04 -50.89
N HIS B 13 13.86 -51.57 -50.27
CA HIS B 13 14.36 -50.21 -50.24
C HIS B 13 13.24 -49.22 -49.94
N ALA B 14 12.04 -49.53 -50.40
CA ALA B 14 10.89 -48.67 -50.12
C ALA B 14 10.50 -48.79 -48.67
N ARG B 15 10.80 -49.94 -48.09
CA ARG B 15 10.58 -50.18 -46.70
C ARG B 15 11.52 -49.31 -45.84
N ASP B 16 12.79 -49.29 -46.21
CA ASP B 16 13.78 -48.42 -45.58
C ASP B 16 13.39 -46.94 -45.60
N GLN B 17 12.91 -46.47 -46.74
CA GLN B 17 12.53 -45.07 -46.92
C GLN B 17 11.35 -44.70 -46.08
N LEU B 18 10.40 -45.62 -45.97
CA LEU B 18 9.21 -45.41 -45.18
C LEU B 18 9.59 -45.36 -43.70
N GLU B 20 12.40 -44.52 -42.31
CA GLU B 20 13.07 -43.24 -42.24
C GLU B 20 12.06 -42.10 -42.15
N GLN B 21 11.09 -42.08 -43.06
CA GLN B 21 10.04 -41.08 -43.01
C GLN B 21 9.22 -41.15 -41.72
N ASN B 22 8.95 -42.35 -41.23
CA ASN B 22 8.20 -42.53 -39.98
C ASN B 22 8.92 -42.03 -38.72
N PHE B 23 10.19 -42.39 -38.56
CA PHE B 23 11.01 -41.81 -37.50
C PHE B 23 11.07 -40.28 -37.61
N ALA B 24 11.14 -39.77 -38.84
CA ALA B 24 11.15 -38.32 -39.09
C ALA B 24 9.92 -37.66 -38.49
N LEU B 25 8.76 -38.22 -38.81
CA LEU B 25 7.48 -37.72 -38.30
C LEU B 25 7.42 -37.91 -36.80
N ASP B 26 7.98 -39.02 -36.33
CA ASP B 26 7.96 -39.30 -34.89
C ASP B 26 8.81 -38.28 -34.14
N LYS B 27 10.02 -38.04 -34.64
CA LYS B 27 10.95 -37.06 -34.09
C LYS B 27 10.32 -35.69 -33.97
N ALA B 28 9.74 -35.19 -35.06
CA ALA B 28 9.10 -33.88 -35.11
C ALA B 28 8.06 -33.73 -34.02
N ARG B 29 7.15 -34.69 -33.93
CA ARG B 29 6.09 -34.61 -32.94
C ARG B 29 6.65 -34.62 -31.52
N GLN B 30 7.60 -35.51 -31.25
CA GLN B 30 8.21 -35.59 -29.92
C GLN B 30 8.93 -34.29 -29.55
N GLU B 31 9.64 -33.70 -30.51
CA GLU B 31 10.33 -32.44 -30.25
C GLU B 31 9.33 -31.37 -29.80
N ALA B 32 8.23 -31.24 -30.55
CA ALA B 32 7.16 -30.30 -30.23
C ALA B 32 6.61 -30.52 -28.81
N GLU B 33 6.27 -31.77 -28.49
CA GLU B 33 5.71 -32.09 -27.19
C GLU B 33 6.65 -31.73 -26.04
N ALA B 35 9.29 -29.70 -26.13
CA ALA B 35 9.50 -28.26 -26.10
C ALA B 35 8.34 -27.56 -25.42
N VAL B 36 7.11 -28.03 -25.66
CA VAL B 36 5.96 -27.40 -25.06
C VAL B 36 5.91 -27.69 -23.56
N HIS B 37 6.19 -28.93 -23.18
CA HIS B 37 6.17 -29.32 -21.78
C HIS B 37 7.16 -28.49 -20.95
N ALA B 38 8.37 -28.31 -21.46
CA ALA B 38 9.40 -27.56 -20.76
C ALA B 38 9.02 -26.08 -20.65
N ARG B 39 8.42 -25.54 -21.70
CA ARG B 39 8.06 -24.14 -21.68
C ARG B 39 6.85 -23.88 -20.78
N ASN B 40 5.88 -24.80 -20.76
CA ASN B 40 4.78 -24.71 -19.82
C ASN B 40 5.21 -24.81 -18.36
N ASP B 41 6.16 -25.70 -18.07
CA ASP B 41 6.74 -25.83 -16.74
C ASP B 41 7.33 -24.50 -16.31
N PHE B 42 8.06 -23.88 -17.23
CA PHE B 42 8.70 -22.61 -16.96
C PHE B 42 7.65 -21.54 -16.69
N LEU B 43 6.66 -21.48 -17.57
CA LEU B 43 5.55 -20.53 -17.44
C LEU B 43 4.82 -20.68 -16.07
N ALA B 44 4.49 -21.92 -15.72
CA ALA B 44 3.86 -22.21 -14.44
C ALA B 44 4.74 -21.80 -13.24
N VAL B 45 6.02 -22.14 -13.30
CA VAL B 45 6.94 -21.81 -12.21
C VAL B 45 7.08 -20.28 -12.00
N ASN B 47 4.75 -17.98 -12.46
CA ASN B 47 3.46 -17.30 -12.30
C ASN B 47 3.36 -16.44 -11.01
N HIS B 48 3.84 -16.98 -9.91
CA HIS B 48 3.82 -16.26 -8.63
C HIS B 48 4.70 -15.02 -8.69
N GLU B 49 5.74 -15.06 -9.52
CA GLU B 49 6.59 -13.89 -9.71
C GLU B 49 5.92 -12.79 -10.51
N ARG B 51 2.48 -12.58 -10.45
CA ARG B 51 1.22 -12.20 -9.82
C ARG B 51 1.40 -11.39 -8.54
N THR B 52 2.47 -11.67 -7.80
CA THR B 52 2.78 -10.95 -6.58
C THR B 52 2.88 -9.43 -6.74
N PRO B 53 3.62 -8.94 -7.76
CA PRO B 53 3.62 -7.48 -7.94
C PRO B 53 2.26 -6.91 -8.31
N HIS B 55 -0.55 -8.03 -7.23
CA HIS B 55 -1.27 -7.98 -5.95
C HIS B 55 -0.81 -6.81 -5.11
N ALA B 56 0.49 -6.53 -5.13
CA ALA B 56 1.02 -5.35 -4.47
C ALA B 56 0.34 -4.07 -4.98
N ILE B 57 0.12 -4.00 -6.29
CA ILE B 57 -0.41 -2.78 -6.91
C ILE B 57 -1.90 -2.67 -6.66
N ILE B 58 -2.59 -3.82 -6.68
CA ILE B 58 -4.00 -3.86 -6.31
C ILE B 58 -4.20 -3.38 -4.86
N SER B 59 -3.39 -3.87 -3.92
CA SER B 59 -3.49 -3.47 -2.52
C SER B 59 -3.25 -1.97 -2.38
N LEU B 60 -2.14 -1.51 -2.94
CA LEU B 60 -1.79 -0.10 -2.82
C LEU B 60 -2.79 0.89 -3.47
N SER B 61 -3.15 0.66 -4.73
CA SER B 61 -4.11 1.54 -5.41
C SER B 61 -5.45 1.51 -4.70
N SER B 62 -5.84 0.33 -4.23
CA SER B 62 -7.07 0.21 -3.47
C SER B 62 -7.02 1.06 -2.20
N LEU B 63 -5.91 1.00 -1.49
CA LEU B 63 -5.83 1.72 -0.21
C LEU B 63 -5.68 3.25 -0.43
N LEU B 64 -5.03 3.64 -1.53
CA LEU B 64 -4.90 5.04 -1.91
C LEU B 64 -6.26 5.64 -2.04
N LEU B 65 -7.20 4.86 -2.54
CA LEU B 65 -8.55 5.38 -2.74
C LEU B 65 -9.27 5.72 -1.42
N GLU B 66 -8.70 5.29 -0.30
CA GLU B 66 -9.31 5.57 1.00
C GLU B 66 -8.76 6.89 1.55
N THR B 67 -7.81 7.48 0.85
CA THR B 67 -7.19 8.70 1.34
C THR B 67 -7.80 9.89 0.61
N GLU B 68 -7.36 11.09 0.97
CA GLU B 68 -7.97 12.29 0.45
C GLU B 68 -7.26 12.64 -0.84
N LEU B 69 -8.01 12.65 -1.92
CA LEU B 69 -7.43 12.83 -3.25
C LEU B 69 -8.21 13.89 -4.01
N SER B 70 -7.55 14.60 -4.92
CA SER B 70 -8.27 15.45 -5.87
C SER B 70 -9.10 14.55 -6.79
N PRO B 71 -10.14 15.12 -7.43
CA PRO B 71 -10.94 14.29 -8.33
C PRO B 71 -10.08 13.66 -9.46
N GLU B 72 -9.08 14.38 -9.92
CA GLU B 72 -8.19 13.85 -10.95
C GLU B 72 -7.32 12.70 -10.45
N GLN B 73 -6.71 12.88 -9.28
CA GLN B 73 -5.89 11.83 -8.71
C GLN B 73 -6.73 10.57 -8.52
N ARG B 74 -7.99 10.77 -8.09
CA ARG B 74 -8.88 9.66 -7.84
C ARG B 74 -9.23 8.88 -9.11
N VAL B 75 -9.58 9.56 -10.22
CA VAL B 75 -9.87 8.78 -11.44
C VAL B 75 -8.64 8.08 -11.96
N ILE B 77 -6.11 6.90 -10.10
CA ILE B 77 -5.87 5.74 -9.21
C ILE B 77 -6.91 4.64 -9.42
N GLU B 78 -8.17 5.03 -9.61
CA GLU B 78 -9.21 4.06 -10.04
C GLU B 78 -8.75 3.25 -11.24
N THR B 79 -8.13 3.94 -12.20
CA THR B 79 -7.69 3.29 -13.43
C THR B 79 -6.52 2.34 -13.18
N ILE B 80 -5.60 2.72 -12.29
CA ILE B 80 -4.57 1.79 -11.83
C ILE B 80 -5.17 0.52 -11.19
N LEU B 81 -6.12 0.69 -10.29
CA LEU B 81 -6.77 -0.46 -9.65
C LEU B 81 -7.45 -1.32 -10.69
N LYS B 82 -8.26 -0.70 -11.54
CA LYS B 82 -9.02 -1.45 -12.53
C LYS B 82 -8.09 -2.18 -13.48
N SER B 83 -7.01 -1.51 -13.86
CA SER B 83 -6.04 -2.10 -14.80
C SER B 83 -5.31 -3.27 -14.16
N SER B 84 -4.90 -3.09 -12.92
CA SER B 84 -4.18 -4.13 -12.23
C SER B 84 -5.08 -5.33 -11.92
N ASN B 85 -6.35 -5.08 -11.63
CA ASN B 85 -7.30 -6.21 -11.55
C ASN B 85 -7.32 -7.07 -12.82
N LEU B 86 -7.42 -6.42 -13.97
CA LEU B 86 -7.54 -7.14 -15.23
C LEU B 86 -6.28 -7.93 -15.53
N VAL B 87 -5.11 -7.31 -15.30
CA VAL B 87 -3.84 -7.97 -15.52
C VAL B 87 -3.66 -9.16 -14.59
N ALA B 88 -4.01 -9.00 -13.31
CA ALA B 88 -3.99 -10.14 -12.40
C ALA B 88 -4.85 -11.28 -12.93
N THR B 89 -6.03 -10.94 -13.42
CA THR B 89 -6.95 -11.93 -13.95
C THR B 89 -6.38 -12.65 -15.18
N LEU B 90 -5.73 -11.91 -16.07
CA LEU B 90 -5.15 -12.50 -17.27
C LEU B 90 -3.98 -13.43 -16.97
N ILE B 91 -3.18 -13.03 -15.98
CA ILE B 91 -2.09 -13.84 -15.45
C ILE B 91 -2.66 -15.14 -14.90
N SER B 92 -3.81 -15.03 -14.24
CA SER B 92 -4.45 -16.21 -13.66
C SER B 92 -4.88 -17.14 -14.77
N ASP B 93 -5.45 -16.56 -15.83
CA ASP B 93 -5.83 -17.31 -17.03
C ASP B 93 -4.65 -18.03 -17.65
N VAL B 94 -3.48 -17.39 -17.64
CA VAL B 94 -2.29 -17.98 -18.25
C VAL B 94 -1.85 -19.19 -17.45
N LEU B 95 -2.04 -19.13 -16.13
CA LEU B 95 -1.77 -20.30 -15.31
C LEU B 95 -2.68 -21.47 -15.66
N ASP B 96 -3.86 -21.23 -16.18
CA ASP B 96 -4.72 -22.31 -16.66
C ASP B 96 -4.19 -22.95 -17.92
N LEU B 97 -3.30 -22.25 -18.57
CA LEU B 97 -2.74 -22.64 -19.87
C LEU B 97 -1.96 -23.92 -19.73
N SER B 98 -1.64 -24.32 -18.50
CA SER B 98 -1.21 -25.68 -18.25
C SER B 98 -1.99 -26.45 -17.17
N ARG B 99 -2.52 -27.60 -17.50
CA ARG B 99 -2.87 -27.93 -18.85
C ARG B 99 -4.36 -27.89 -18.89
N LEU B 100 -4.91 -27.17 -19.83
CA LEU B 100 -6.32 -26.81 -19.79
C LEU B 100 -7.26 -28.00 -19.86
N ALA C 5 -10.24 62.70 56.05
CA ALA C 5 -8.91 62.36 56.55
C ALA C 5 -8.79 60.92 57.00
N ALA C 6 -9.78 60.45 57.75
CA ALA C 6 -9.83 59.05 58.05
C ALA C 6 -10.62 58.39 56.92
N ILE C 7 -11.24 59.24 56.11
CA ILE C 7 -11.83 58.82 54.85
C ILE C 7 -10.69 58.67 53.84
N LEU C 8 -9.63 59.47 54.00
CA LEU C 8 -8.48 59.42 53.12
C LEU C 8 -7.69 58.13 53.33
N GLU C 9 -7.52 57.73 54.59
CA GLU C 9 -6.89 56.46 54.93
C GLU C 9 -7.68 55.27 54.40
N GLU C 10 -9.00 55.35 54.47
CA GLU C 10 -9.82 54.24 54.03
C GLU C 10 -9.77 54.12 52.51
N SER C 11 -9.61 55.25 51.83
CA SER C 11 -9.46 55.25 50.39
C SER C 11 -8.07 54.71 50.06
N HIS C 13 -6.35 52.47 51.82
CA HIS C 13 -6.33 51.03 52.00
C HIS C 13 -7.02 50.33 50.83
N ALA C 14 -8.11 50.90 50.32
CA ALA C 14 -8.81 50.31 49.19
C ALA C 14 -7.92 50.34 47.96
N ARG C 15 -7.27 51.47 47.72
CA ARG C 15 -6.27 51.56 46.67
C ARG C 15 -5.16 50.51 46.86
N ASP C 16 -4.68 50.35 48.10
CA ASP C 16 -3.60 49.41 48.39
C ASP C 16 -3.99 47.95 48.16
N GLN C 17 -5.23 47.59 48.51
CA GLN C 17 -5.76 46.26 48.27
C GLN C 17 -5.89 45.96 46.79
N LEU C 18 -6.42 46.94 46.04
CA LEU C 18 -6.55 46.80 44.59
C LEU C 18 -5.20 46.58 43.90
N GLU C 20 -2.53 45.13 45.37
CA GLU C 20 -2.14 43.77 45.71
C GLU C 20 -2.89 42.76 44.82
N GLN C 21 -4.17 43.04 44.61
CA GLN C 21 -4.98 42.30 43.68
C GLN C 21 -4.40 42.41 42.28
N ASN C 22 -4.09 43.64 41.88
CA ASN C 22 -3.51 43.90 40.56
C ASN C 22 -2.27 43.05 40.26
N PHE C 23 -1.34 43.03 41.21
CA PHE C 23 -0.12 42.23 41.03
C PHE C 23 -0.47 40.75 40.86
N ALA C 24 -1.31 40.23 41.75
CA ALA C 24 -1.72 38.82 41.68
C ALA C 24 -2.33 38.47 40.33
N LEU C 25 -3.28 39.29 39.85
CA LEU C 25 -3.92 39.06 38.57
C LEU C 25 -2.95 39.22 37.41
N ASP C 26 -2.08 40.22 37.50
CA ASP C 26 -1.09 40.45 36.48
C ASP C 26 -0.22 39.19 36.37
N LYS C 27 0.22 38.67 37.51
CA LYS C 27 0.99 37.42 37.54
C LYS C 27 0.22 36.23 36.96
N ALA C 28 -1.06 36.13 37.29
CA ALA C 28 -1.89 35.01 36.85
C ALA C 28 -2.09 35.04 35.33
N ARG C 29 -2.23 36.24 34.78
CA ARG C 29 -2.32 36.38 33.32
C ARG C 29 -1.03 35.95 32.64
N GLN C 30 0.11 36.39 33.14
CA GLN C 30 1.39 35.97 32.55
C GLN C 30 1.53 34.45 32.60
N GLU C 31 1.13 33.85 33.69
CA GLU C 31 1.18 32.43 33.83
C GLU C 31 0.31 31.71 32.85
N ALA C 32 -0.90 32.19 32.67
CA ALA C 32 -1.82 31.58 31.70
C ALA C 32 -1.27 31.69 30.27
N GLU C 33 -0.73 32.85 29.92
CA GLU C 33 -0.19 33.04 28.58
C GLU C 33 0.95 32.07 28.33
N ALA C 35 1.41 29.35 29.71
CA ALA C 35 0.87 27.99 29.69
C ALA C 35 0.31 27.68 28.31
N VAL C 36 -0.30 28.68 27.67
CA VAL C 36 -0.85 28.53 26.33
C VAL C 36 0.28 28.19 25.37
N HIS C 37 1.37 28.93 25.45
CA HIS C 37 2.55 28.72 24.61
C HIS C 37 3.20 27.37 24.82
N ALA C 38 3.45 26.98 26.08
CA ALA C 38 4.09 25.69 26.36
C ALA C 38 3.24 24.57 25.79
N ARG C 39 1.94 24.69 26.01
CA ARG C 39 0.98 23.70 25.54
C ARG C 39 0.99 23.57 23.99
N ASN C 40 0.99 24.70 23.28
CA ASN C 40 1.15 24.72 21.84
C ASN C 40 2.43 24.02 21.41
N ASP C 41 3.54 24.36 22.06
CA ASP C 41 4.84 23.78 21.75
C ASP C 41 4.85 22.27 21.99
N PHE C 42 4.24 21.85 23.09
CA PHE C 42 4.08 20.43 23.39
C PHE C 42 3.27 19.71 22.31
N LEU C 43 2.18 20.30 21.87
CA LEU C 43 1.35 19.67 20.85
C LEU C 43 2.12 19.56 19.52
N ALA C 44 2.89 20.57 19.15
CA ALA C 44 3.69 20.48 17.92
C ALA C 44 4.77 19.38 17.99
N VAL C 45 5.45 19.26 19.12
CA VAL C 45 6.45 18.21 19.28
C VAL C 45 5.79 16.85 19.25
N ASN C 47 2.98 16.00 17.95
CA ASN C 47 2.48 15.79 16.60
C ASN C 47 3.58 15.24 15.71
N HIS C 48 4.77 15.79 15.86
CA HIS C 48 5.91 15.35 15.06
C HIS C 48 6.38 13.96 15.49
N GLU C 49 6.42 13.72 16.80
CA GLU C 49 6.83 12.41 17.32
C GLU C 49 5.86 11.29 16.99
N ARG C 51 3.91 11.52 13.95
CA ARG C 51 3.97 11.46 12.47
C ARG C 51 5.12 10.62 11.94
N THR C 52 6.28 10.67 12.59
CA THR C 52 7.44 9.90 12.12
C THR C 52 7.27 8.37 12.16
N PRO C 53 6.98 7.79 13.36
CA PRO C 53 6.75 6.34 13.32
C PRO C 53 5.51 5.95 12.50
N HIS C 55 4.85 7.21 9.67
CA HIS C 55 5.34 7.21 8.30
C HIS C 55 6.13 5.94 8.07
N ALA C 56 6.95 5.57 9.07
CA ALA C 56 7.71 4.34 9.01
C ALA C 56 6.80 3.12 8.91
N ILE C 57 5.69 3.10 9.67
CA ILE C 57 4.71 2.02 9.57
C ILE C 57 4.11 1.92 8.17
N ILE C 58 3.75 3.08 7.61
CA ILE C 58 3.18 3.13 6.26
C ILE C 58 4.20 2.69 5.20
N SER C 59 5.46 3.08 5.36
CA SER C 59 6.49 2.64 4.42
C SER C 59 6.75 1.15 4.55
N LEU C 60 6.74 0.64 5.78
CA LEU C 60 6.94 -0.79 5.98
C LEU C 60 5.76 -1.61 5.45
N SER C 61 4.54 -1.16 5.72
CA SER C 61 3.37 -1.84 5.20
C SER C 61 3.42 -1.94 3.67
N SER C 62 3.81 -0.83 3.00
CA SER C 62 3.90 -0.78 1.55
C SER C 62 4.90 -1.84 1.05
N LEU C 63 6.07 -1.91 1.67
CA LEU C 63 7.07 -2.92 1.30
C LEU C 63 6.59 -4.35 1.54
N LEU C 64 5.91 -4.56 2.67
CA LEU C 64 5.35 -5.86 3.01
C LEU C 64 4.35 -6.30 1.94
N LEU C 65 3.59 -5.36 1.40
CA LEU C 65 2.59 -5.71 0.41
C LEU C 65 3.21 -6.19 -0.91
N GLU C 66 4.51 -5.97 -1.08
CA GLU C 66 5.26 -6.48 -2.23
C GLU C 66 5.81 -7.89 -2.02
N THR C 67 5.73 -8.38 -0.79
CA THR C 67 6.30 -9.68 -0.52
C THR C 67 5.21 -10.71 -0.69
N GLU C 68 5.62 -11.97 -0.71
CA GLU C 68 4.68 -13.04 -0.95
C GLU C 68 3.97 -13.38 0.35
N LEU C 69 2.69 -13.06 0.36
CA LEU C 69 1.87 -13.12 1.55
C LEU C 69 0.72 -14.04 1.21
N SER C 70 0.23 -14.79 2.20
CA SER C 70 -1.02 -15.50 2.01
C SER C 70 -2.14 -14.47 1.86
N PRO C 71 -3.31 -14.90 1.35
CA PRO C 71 -4.42 -13.95 1.26
C PRO C 71 -4.79 -13.32 2.60
N GLU C 72 -4.79 -14.10 3.66
CA GLU C 72 -5.13 -13.60 4.97
C GLU C 72 -4.10 -12.61 5.46
N GLN C 73 -2.83 -12.92 5.25
CA GLN C 73 -1.80 -11.98 5.69
C GLN C 73 -1.90 -10.67 4.92
N ARG C 74 -2.28 -10.78 3.64
CA ARG C 74 -2.37 -9.60 2.80
C ARG C 74 -3.48 -8.70 3.30
N VAL C 75 -4.63 -9.30 3.63
CA VAL C 75 -5.75 -8.50 4.08
C VAL C 75 -5.42 -7.87 5.43
N ILE C 77 -2.32 -7.04 6.52
CA ILE C 77 -1.39 -5.93 6.26
C ILE C 77 -2.07 -4.73 5.59
N GLU C 78 -3.04 -4.98 4.72
CA GLU C 78 -3.82 -3.90 4.13
C GLU C 78 -4.56 -3.12 5.21
N THR C 79 -5.04 -3.82 6.23
CA THR C 79 -5.79 -3.16 7.30
C THR C 79 -4.88 -2.28 8.19
N ILE C 80 -3.68 -2.78 8.47
CA ILE C 80 -2.66 -1.99 9.13
C ILE C 80 -2.39 -0.70 8.36
N LEU C 81 -2.14 -0.83 7.06
CA LEU C 81 -1.87 0.34 6.23
C LEU C 81 -3.07 1.28 6.22
N LYS C 82 -4.26 0.74 5.98
CA LYS C 82 -5.48 1.55 5.94
C LYS C 82 -5.64 2.29 7.27
N SER C 83 -5.44 1.56 8.38
CA SER C 83 -5.59 2.14 9.70
C SER C 83 -4.56 3.23 9.93
N SER C 84 -3.34 2.97 9.46
CA SER C 84 -2.25 3.92 9.61
C SER C 84 -2.51 5.22 8.86
N ASN C 85 -2.97 5.11 7.62
CA ASN C 85 -3.34 6.30 6.84
C ASN C 85 -4.42 7.11 7.53
N LEU C 86 -5.39 6.39 8.11
CA LEU C 86 -6.49 7.00 8.82
C LEU C 86 -5.95 7.79 10.01
N VAL C 87 -5.00 7.18 10.72
CA VAL C 87 -4.38 7.81 11.89
C VAL C 87 -3.52 9.00 11.54
N ALA C 88 -2.66 8.82 10.53
CA ALA C 88 -1.78 9.90 10.08
C ALA C 88 -2.57 11.17 9.78
N THR C 89 -3.66 11.02 9.02
CA THR C 89 -4.58 12.13 8.77
C THR C 89 -5.18 12.71 10.05
N LEU C 90 -5.72 11.84 10.89
CA LEU C 90 -6.43 12.28 12.08
C LEU C 90 -5.48 12.97 13.05
N ILE C 91 -4.22 12.54 13.04
CA ILE C 91 -3.17 13.14 13.85
C ILE C 91 -2.87 14.56 13.40
N SER C 92 -2.71 14.75 12.10
CA SER C 92 -2.45 16.07 11.58
C SER C 92 -3.56 17.07 11.95
N ASP C 93 -4.82 16.64 11.83
CA ASP C 93 -5.96 17.54 12.01
C ASP C 93 -6.25 17.83 13.47
N VAL C 94 -6.14 16.82 14.31
CA VAL C 94 -6.60 16.91 15.67
C VAL C 94 -5.64 17.71 16.52
N LEU C 95 -4.36 17.55 16.26
CA LEU C 95 -3.41 18.33 17.02
C LEU C 95 -3.33 19.75 16.46
N ASP C 96 -3.99 19.96 15.34
CA ASP C 96 -4.03 21.27 14.73
C ASP C 96 -5.20 22.13 15.26
N LEU C 97 -6.41 21.59 15.25
CA LEU C 97 -7.55 22.29 15.76
C LEU C 97 -7.38 22.54 17.25
N SER C 98 -6.50 21.77 17.86
CA SER C 98 -6.34 21.73 19.30
C SER C 98 -5.35 22.76 19.80
N ARG C 99 -4.60 23.34 18.89
CA ARG C 99 -3.75 24.49 19.17
C ARG C 99 -4.57 25.77 19.32
N LEU C 100 -4.01 26.74 20.02
CA LEU C 100 -4.65 28.01 20.30
C LEU C 100 -3.61 29.06 20.00
N GLU C 101 -3.73 29.70 18.85
CA GLU C 101 -2.63 30.48 18.31
C GLU C 101 -2.80 31.96 18.56
N ALA D 5 -9.04 65.94 49.85
CA ALA D 5 -9.64 67.24 49.60
C ALA D 5 -9.97 67.32 48.12
N ALA D 6 -8.92 67.20 47.30
CA ALA D 6 -9.05 66.98 45.85
C ALA D 6 -8.01 65.93 45.53
N ILE D 7 -7.27 65.55 46.56
CA ILE D 7 -6.42 64.38 46.51
C ILE D 7 -7.25 63.13 46.76
N LEU D 8 -8.49 63.33 47.23
CA LEU D 8 -9.44 62.24 47.35
C LEU D 8 -9.93 61.87 45.96
N GLU D 9 -10.20 62.89 45.15
CA GLU D 9 -10.68 62.70 43.79
C GLU D 9 -9.67 61.85 43.02
N GLU D 10 -8.39 62.07 43.34
CA GLU D 10 -7.29 61.39 42.66
C GLU D 10 -7.11 59.98 43.20
N SER D 11 -7.29 59.81 44.50
CA SER D 11 -7.30 58.47 45.07
C SER D 11 -8.46 57.63 44.50
N HIS D 13 -9.91 58.16 41.61
CA HIS D 13 -9.58 57.94 40.19
C HIS D 13 -8.62 56.78 40.03
N ALA D 14 -7.61 56.75 40.88
CA ALA D 14 -6.60 55.70 40.90
C ALA D 14 -7.25 54.35 41.19
N ARG D 15 -8.21 54.36 42.10
CA ARG D 15 -8.98 53.16 42.42
C ARG D 15 -9.81 52.68 41.21
N ASP D 16 -10.46 53.59 40.51
CA ASP D 16 -11.20 53.21 39.30
C ASP D 16 -10.26 52.61 38.26
N GLN D 17 -9.10 53.24 38.06
CA GLN D 17 -8.10 52.73 37.11
C GLN D 17 -7.68 51.31 37.44
N LEU D 18 -7.42 51.07 38.71
CA LEU D 18 -6.99 49.76 39.18
C LEU D 18 -8.09 48.71 39.03
N GLU D 20 -10.46 48.76 36.83
CA GLU D 20 -10.60 48.48 35.41
C GLU D 20 -9.53 47.51 34.91
N GLN D 21 -8.28 47.83 35.25
CA GLN D 21 -7.15 46.99 34.92
C GLN D 21 -7.34 45.58 35.50
N ASN D 22 -7.81 45.52 36.74
CA ASN D 22 -8.04 44.23 37.40
C ASN D 22 -9.03 43.35 36.64
N PHE D 23 -10.12 43.94 36.17
CA PHE D 23 -11.05 43.21 35.34
C PHE D 23 -10.43 42.79 34.01
N ALA D 24 -9.65 43.66 33.38
CA ALA D 24 -9.06 43.31 32.09
C ALA D 24 -8.14 42.09 32.25
N LEU D 25 -7.27 42.13 33.25
CA LEU D 25 -6.34 41.03 33.55
C LEU D 25 -7.07 39.74 33.87
N ASP D 26 -8.16 39.84 34.63
CA ASP D 26 -8.90 38.66 35.03
C ASP D 26 -9.59 38.10 33.81
N LYS D 27 -10.13 39.01 33.01
CA LYS D 27 -10.81 38.67 31.76
C LYS D 27 -9.84 37.90 30.85
N ALA D 28 -8.63 38.44 30.70
CA ALA D 28 -7.65 37.84 29.80
C ALA D 28 -7.26 36.44 30.24
N ARG D 29 -7.08 36.27 31.54
CA ARG D 29 -6.70 34.97 32.06
C ARG D 29 -7.83 33.98 31.79
N GLN D 30 -9.05 34.38 32.13
CA GLN D 30 -10.21 33.50 31.94
C GLN D 30 -10.45 33.10 30.49
N GLU D 31 -10.20 34.03 29.56
CA GLU D 31 -10.33 33.72 28.15
C GLU D 31 -9.35 32.63 27.74
N ALA D 32 -8.12 32.72 28.26
CA ALA D 32 -7.11 31.71 28.01
C ALA D 32 -7.54 30.35 28.57
N GLU D 33 -7.89 30.34 29.85
CA GLU D 33 -8.42 29.14 30.50
C GLU D 33 -9.57 28.53 29.73
N ALA D 35 -10.58 29.01 26.54
CA ALA D 35 -10.27 28.60 25.17
C ALA D 35 -9.51 27.27 25.18
N VAL D 36 -8.57 27.14 26.11
CA VAL D 36 -7.79 25.93 26.28
C VAL D 36 -8.67 24.76 26.71
N HIS D 37 -9.58 25.00 27.65
CA HIS D 37 -10.50 23.97 28.11
C HIS D 37 -11.24 23.34 26.92
N ALA D 38 -11.77 24.21 26.05
CA ALA D 38 -12.49 23.77 24.88
C ALA D 38 -11.60 22.94 23.94
N ARG D 39 -10.35 23.37 23.76
CA ARG D 39 -9.40 22.65 22.89
C ARG D 39 -9.10 21.30 23.50
N ASN D 40 -8.93 21.26 24.82
CA ASN D 40 -8.67 20.00 25.49
C ASN D 40 -9.88 19.09 25.44
N ASP D 41 -11.09 19.66 25.46
CA ASP D 41 -12.30 18.87 25.35
C ASP D 41 -12.32 18.16 24.01
N PHE D 42 -11.93 18.89 22.98
CA PHE D 42 -11.80 18.35 21.65
C PHE D 42 -10.80 17.21 21.60
N LEU D 43 -9.70 17.38 22.34
CA LEU D 43 -8.64 16.37 22.37
C LEU D 43 -9.21 15.06 22.90
N ALA D 44 -9.82 15.12 24.09
CA ALA D 44 -10.40 13.94 24.73
C ALA D 44 -11.49 13.23 23.92
N VAL D 45 -12.24 13.96 23.08
CA VAL D 45 -13.19 13.29 22.20
C VAL D 45 -12.49 12.59 21.04
N ASN D 47 -9.72 11.19 20.95
CA ASN D 47 -8.84 10.14 21.41
C ASN D 47 -9.36 8.74 21.12
N HIS D 48 -10.67 8.53 21.24
CA HIS D 48 -11.21 7.22 20.88
C HIS D 48 -11.00 7.02 19.40
N GLU D 49 -11.22 8.09 18.63
CA GLU D 49 -11.12 7.99 17.17
C GLU D 49 -9.70 7.66 16.72
N ARG D 51 -7.62 5.96 18.93
CA ARG D 51 -7.26 4.72 19.61
C ARG D 51 -7.66 3.46 18.86
N THR D 52 -8.84 3.48 18.25
CA THR D 52 -9.36 2.33 17.55
C THR D 52 -8.44 1.85 16.41
N PRO D 53 -8.07 2.74 15.45
CA PRO D 53 -7.16 2.20 14.45
C PRO D 53 -5.78 1.92 15.02
N HIS D 55 -5.15 0.51 17.85
CA HIS D 55 -5.11 -0.79 18.49
C HIS D 55 -5.24 -1.91 17.47
N ALA D 56 -5.88 -1.60 16.35
CA ALA D 56 -5.96 -2.54 15.28
C ALA D 56 -4.57 -2.78 14.68
N ILE D 57 -3.77 -1.73 14.53
CA ILE D 57 -2.39 -1.88 14.09
C ILE D 57 -1.60 -2.79 15.07
N ILE D 58 -1.67 -2.49 16.36
CA ILE D 58 -1.01 -3.30 17.39
C ILE D 58 -1.52 -4.75 17.39
N SER D 59 -2.83 -4.94 17.39
CA SER D 59 -3.42 -6.27 17.40
C SER D 59 -3.09 -7.04 16.10
N LEU D 60 -3.22 -6.41 14.94
CA LEU D 60 -2.95 -7.12 13.70
C LEU D 60 -1.48 -7.49 13.54
N SER D 61 -0.58 -6.61 13.94
CA SER D 61 0.81 -6.90 13.79
C SER D 61 1.25 -7.98 14.79
N SER D 62 0.71 -7.97 15.98
CA SER D 62 0.82 -9.08 16.92
C SER D 62 0.35 -10.42 16.37
N LEU D 63 -0.86 -10.50 15.84
CA LEU D 63 -1.35 -11.70 15.22
C LEU D 63 -0.45 -12.18 14.07
N LEU D 64 0.00 -11.26 13.24
CA LEU D 64 0.90 -11.61 12.14
C LEU D 64 2.14 -12.32 12.59
N LEU D 65 2.70 -11.90 13.72
CA LEU D 65 3.89 -12.54 14.27
C LEU D 65 3.68 -14.02 14.69
N GLU D 66 2.44 -14.43 14.89
CA GLU D 66 2.08 -15.83 15.16
C GLU D 66 1.84 -16.60 13.87
N THR D 67 2.03 -15.97 12.71
CA THR D 67 1.87 -16.73 11.47
C THR D 67 3.21 -17.04 10.85
N GLU D 68 3.19 -17.78 9.77
CA GLU D 68 4.42 -18.15 9.07
C GLU D 68 4.98 -16.99 8.25
N LEU D 69 6.13 -16.49 8.68
CA LEU D 69 6.75 -15.36 8.05
C LEU D 69 8.17 -15.68 7.63
N SER D 70 8.65 -15.02 6.58
CA SER D 70 10.08 -15.05 6.28
C SER D 70 10.79 -14.14 7.29
N PRO D 71 12.12 -14.30 7.46
CA PRO D 71 12.83 -13.49 8.44
C PRO D 71 12.71 -12.00 8.14
N GLU D 72 12.64 -11.68 6.86
CA GLU D 72 12.50 -10.29 6.42
C GLU D 72 11.14 -9.73 6.79
N GLN D 73 10.08 -10.47 6.53
CA GLN D 73 8.73 -10.07 6.91
C GLN D 73 8.61 -9.87 8.43
N ARG D 74 9.24 -10.76 9.19
CA ARG D 74 9.11 -10.75 10.64
C ARG D 74 9.79 -9.53 11.25
N VAL D 75 10.98 -9.17 10.78
CA VAL D 75 11.64 -7.98 11.32
C VAL D 75 10.79 -6.74 11.03
N ILE D 77 7.50 -6.55 10.54
CA ILE D 77 6.28 -6.57 11.35
C ILE D 77 6.61 -6.27 12.81
N GLU D 78 7.72 -6.82 13.31
CA GLU D 78 8.22 -6.47 14.65
C GLU D 78 8.43 -4.95 14.77
N THR D 79 9.02 -4.34 13.76
CA THR D 79 9.23 -2.90 13.78
C THR D 79 7.90 -2.16 13.81
N ILE D 80 6.94 -2.64 13.02
CA ILE D 80 5.60 -2.06 13.04
C ILE D 80 4.98 -2.14 14.43
N LEU D 81 5.11 -3.29 15.08
CA LEU D 81 4.53 -3.48 16.39
C LEU D 81 5.16 -2.48 17.38
N LYS D 82 6.48 -2.37 17.35
CA LYS D 82 7.20 -1.47 18.25
C LYS D 82 6.84 -0.02 18.00
N SER D 83 6.82 0.37 16.73
CA SER D 83 6.49 1.74 16.38
C SER D 83 5.08 2.06 16.83
N SER D 84 4.15 1.14 16.57
CA SER D 84 2.77 1.39 16.91
C SER D 84 2.53 1.42 18.43
N ASN D 85 3.25 0.56 19.17
CA ASN D 85 3.18 0.64 20.63
C ASN D 85 3.62 2.02 21.15
N LEU D 86 4.68 2.55 20.56
CA LEU D 86 5.18 3.86 20.91
C LEU D 86 4.18 4.97 20.63
N VAL D 87 3.54 4.91 19.48
CA VAL D 87 2.52 5.92 19.17
C VAL D 87 1.34 5.82 20.14
N ALA D 88 1.02 4.61 20.59
CA ALA D 88 -0.08 4.40 21.53
C ALA D 88 0.23 5.14 22.83
N THR D 89 1.49 5.09 23.24
CA THR D 89 1.88 5.76 24.46
C THR D 89 1.87 7.27 24.28
N LEU D 90 2.29 7.74 23.11
CA LEU D 90 2.27 9.17 22.81
C LEU D 90 0.85 9.70 22.85
N ILE D 91 -0.06 8.91 22.27
CA ILE D 91 -1.45 9.30 22.24
C ILE D 91 -1.97 9.45 23.67
N SER D 92 -1.59 8.52 24.53
CA SER D 92 -2.00 8.53 25.93
C SER D 92 -1.48 9.78 26.65
N ASP D 93 -0.27 10.20 26.32
CA ASP D 93 0.32 11.37 26.95
C ASP D 93 -0.38 12.64 26.52
N VAL D 94 -0.83 12.68 25.27
CA VAL D 94 -1.59 13.82 24.78
C VAL D 94 -2.93 13.84 25.50
N LEU D 95 -3.49 12.65 25.70
CA LEU D 95 -4.71 12.51 26.48
C LEU D 95 -4.54 13.03 27.91
N ASP D 96 -3.31 13.04 28.39
CA ASP D 96 -3.04 13.57 29.72
C ASP D 96 -3.08 15.09 29.80
N LEU D 97 -2.94 15.78 28.69
CA LEU D 97 -3.24 17.22 28.68
C LEU D 97 -4.70 17.36 29.05
N SER D 98 -5.51 16.52 28.45
CA SER D 98 -6.92 16.63 28.71
C SER D 98 -7.13 16.02 30.06
N ARG D 99 -6.37 16.56 30.98
CA ARG D 99 -6.66 16.31 32.38
C ARG D 99 -5.96 17.37 33.25
#